data_3HCI
#
_entry.id   3HCI
#
_cell.length_a   39.436
_cell.length_b   74.203
_cell.length_c   122.941
_cell.angle_alpha   90.00
_cell.angle_beta   90.00
_cell.angle_gamma   90.00
#
_symmetry.space_group_name_H-M   'P 21 21 21'
#
loop_
_entity.id
_entity.type
_entity.pdbx_description
1 polymer 'Peptide methionine sulfoxide reductase'
2 non-polymer 'ZINC ION'
3 non-polymer (2S)-2-(acetylamino)-N-methyl-4-[(R)-methylsulfinyl]butanamide
4 non-polymer 'CALCIUM ION'
5 water water
#
_entity_poly.entity_id   1
_entity_poly.type   'polypeptide(L)'
_entity_poly.pdbx_seq_one_letter_code
;MSQFDLTPPSPAQRDALIAGLSDEEQRVLLHHGTEAPFCGVFLDNKLDGVYTCRLCGLPLFRSNAKFDSGTGWPSFFAPY
DPAHVREIRDTSYGMVRTEIVCARCDSHLGHVFPDGPPPTGERHSLNSVSLAFTEDGQPLPNPLQRAGAETQPA
;
_entity_poly.pdbx_strand_id   A,B
#
loop_
_chem_comp.id
_chem_comp.type
_chem_comp.name
_chem_comp.formula
CA non-polymer 'CALCIUM ION' 'Ca 2'
RSM non-polymer (2S)-2-(acetylamino)-N-methyl-4-[(R)-methylsulfinyl]butanamide 'C8 H16 N2 O3 S'
ZN non-polymer 'ZINC ION' 'Zn 2'
#
# COMPACT_ATOMS: atom_id res chain seq x y z
N SER A 2 -6.07 10.03 18.58
CA SER A 2 -7.42 9.73 18.04
C SER A 2 -8.46 10.76 18.49
N GLN A 3 -9.37 11.09 17.58
CA GLN A 3 -10.52 11.94 17.93
C GLN A 3 -11.65 11.16 18.62
N PHE A 4 -11.44 9.87 18.85
CA PHE A 4 -12.47 9.01 19.44
C PHE A 4 -12.15 8.60 20.87
N ASP A 5 -13.21 8.45 21.66
CA ASP A 5 -13.12 7.97 23.04
C ASP A 5 -12.95 6.44 23.03
N LEU A 6 -11.74 5.98 23.30
CA LEU A 6 -11.40 4.55 23.18
C LEU A 6 -11.63 3.75 24.45
N THR A 7 -12.37 4.34 25.39
CA THR A 7 -12.66 3.70 26.67
C THR A 7 -13.51 2.45 26.46
N PRO A 8 -12.99 1.28 26.88
CA PRO A 8 -13.77 0.05 26.74
C PRO A 8 -15.18 0.19 27.35
N PRO A 9 -16.22 -0.38 26.69
CA PRO A 9 -17.52 -0.41 27.35
C PRO A 9 -17.48 -1.27 28.62
N SER A 10 -18.23 -0.87 29.64
CA SER A 10 -18.33 -1.65 30.88
C SER A 10 -19.20 -2.90 30.63
N PRO A 11 -19.08 -3.93 31.52
CA PRO A 11 -19.81 -5.18 31.27
C PRO A 11 -21.27 -5.00 30.85
N ALA A 12 -21.95 -4.03 31.47
CA ALA A 12 -23.36 -3.74 31.14
C ALA A 12 -23.55 -3.24 29.70
N GLN A 13 -22.77 -2.24 29.28
CA GLN A 13 -22.81 -1.75 27.89
C GLN A 13 -22.41 -2.82 26.90
N ARG A 14 -21.43 -3.62 27.29
CA ARG A 14 -20.96 -4.74 26.50
C ARG A 14 -22.10 -5.73 26.22
N ASP A 15 -22.74 -6.22 27.29
CA ASP A 15 -23.83 -7.19 27.18
C ASP A 15 -25.05 -6.61 26.44
N ALA A 16 -25.30 -5.32 26.63
CA ALA A 16 -26.39 -4.64 25.93
C ALA A 16 -26.19 -4.73 24.43
N LEU A 17 -24.95 -4.52 23.97
CA LEU A 17 -24.63 -4.55 22.55
C LEU A 17 -24.54 -5.98 22.01
N ILE A 18 -23.93 -6.86 22.80
CA ILE A 18 -23.83 -8.30 22.46
C ILE A 18 -25.21 -8.92 22.22
N ALA A 19 -26.16 -8.54 23.07
CA ALA A 19 -27.53 -9.03 22.97
C ALA A 19 -28.15 -8.77 21.58
N GLY A 20 -27.73 -7.69 20.93
CA GLY A 20 -28.24 -7.34 19.60
C GLY A 20 -27.57 -8.05 18.44
N LEU A 21 -26.78 -9.08 18.77
CA LEU A 21 -25.88 -9.72 17.81
C LEU A 21 -26.39 -11.11 17.37
N SER A 22 -26.21 -11.41 16.08
CA SER A 22 -26.56 -12.73 15.51
C SER A 22 -25.89 -13.92 16.21
N ASP A 23 -26.35 -15.12 15.91
CA ASP A 23 -25.64 -16.32 16.29
C ASP A 23 -24.26 -16.31 15.64
N GLU A 24 -24.25 -16.08 14.33
CA GLU A 24 -23.02 -16.08 13.53
C GLU A 24 -22.10 -14.91 13.88
N GLU A 25 -22.69 -13.73 14.12
CA GLU A 25 -21.94 -12.55 14.52
C GLU A 25 -21.22 -12.79 15.84
N GLN A 26 -21.88 -13.52 16.73
CA GLN A 26 -21.28 -13.91 18.00
C GLN A 26 -20.12 -14.87 17.81
N ARG A 27 -20.29 -15.82 16.88
CA ARG A 27 -19.28 -16.83 16.56
C ARG A 27 -17.97 -16.19 16.09
N VAL A 28 -18.09 -15.20 15.22
CA VAL A 28 -16.92 -14.50 14.70
C VAL A 28 -16.36 -13.50 15.71
N LEU A 29 -17.19 -12.53 16.13
CA LEU A 29 -16.74 -11.42 16.97
C LEU A 29 -16.27 -11.86 18.35
N LEU A 30 -17.02 -12.75 18.99
CA LEU A 30 -16.75 -13.11 20.38
C LEU A 30 -16.04 -14.46 20.57
N HIS A 31 -15.91 -15.24 19.49
CA HIS A 31 -15.31 -16.57 19.59
C HIS A 31 -14.29 -16.90 18.49
N HIS A 32 -13.62 -15.87 17.98
CA HIS A 32 -12.47 -16.01 17.07
C HIS A 32 -12.74 -16.70 15.73
N GLY A 33 -14.02 -16.80 15.35
CA GLY A 33 -14.42 -17.47 14.10
C GLY A 33 -14.05 -16.75 12.81
N THR A 34 -14.15 -17.47 11.70
CA THR A 34 -13.86 -16.92 10.38
C THR A 34 -15.03 -17.17 9.40
N GLU A 35 -15.43 -16.13 8.68
CA GLU A 35 -16.37 -16.25 7.56
C GLU A 35 -15.89 -17.26 6.54
N ALA A 36 -16.83 -17.92 5.87
CA ALA A 36 -16.51 -18.64 4.63
C ALA A 36 -16.03 -17.60 3.60
N PRO A 37 -14.83 -17.80 3.02
CA PRO A 37 -14.28 -16.83 2.08
C PRO A 37 -15.15 -16.69 0.82
N PHE A 38 -15.14 -15.51 0.22
CA PHE A 38 -15.90 -15.18 -1.00
C PHE A 38 -17.41 -14.95 -0.77
N CYS A 39 -17.84 -15.02 0.50
CA CYS A 39 -19.27 -14.96 0.85
C CYS A 39 -19.73 -13.69 1.56
N GLY A 40 -18.78 -12.88 2.05
CA GLY A 40 -19.09 -11.67 2.81
C GLY A 40 -19.66 -10.52 1.99
N VAL A 41 -20.67 -9.84 2.55
CA VAL A 41 -21.34 -8.71 1.88
C VAL A 41 -20.39 -7.58 1.46
N PHE A 42 -19.35 -7.35 2.24
CA PHE A 42 -18.40 -6.26 1.99
C PHE A 42 -17.21 -6.65 1.11
N LEU A 43 -17.14 -7.92 0.69
CA LEU A 43 -16.05 -8.38 -0.17
C LEU A 43 -15.90 -7.45 -1.37
N ASP A 44 -17.03 -7.15 -2.02
CA ASP A 44 -17.07 -6.14 -3.06
C ASP A 44 -18.06 -5.04 -2.69
N ASN A 45 -17.53 -3.85 -2.45
CA ASN A 45 -18.32 -2.71 -2.01
C ASN A 45 -17.76 -1.42 -2.58
N LYS A 46 -18.45 -0.90 -3.60
CA LYS A 46 -18.01 0.28 -4.36
C LYS A 46 -17.84 1.55 -3.51
N LEU A 47 -18.71 1.68 -2.50
CA LEU A 47 -18.99 2.97 -1.84
C LEU A 47 -17.86 3.58 -1.01
N ASP A 48 -17.81 4.91 -1.01
CA ASP A 48 -16.92 5.68 -0.15
C ASP A 48 -17.50 5.82 1.26
N GLY A 49 -16.66 5.62 2.26
CA GLY A 49 -17.10 5.67 3.64
C GLY A 49 -16.26 4.86 4.60
N VAL A 50 -16.81 4.65 5.79
CA VAL A 50 -16.09 4.08 6.91
C VAL A 50 -16.64 2.70 7.27
N TYR A 51 -15.71 1.76 7.50
CA TYR A 51 -16.06 0.46 8.06
C TYR A 51 -15.88 0.51 9.57
N THR A 52 -17.00 0.31 10.27
CA THR A 52 -17.03 0.40 11.72
C THR A 52 -17.07 -0.99 12.37
N CYS A 53 -16.64 -1.05 13.62
CA CYS A 53 -16.77 -2.25 14.41
C CYS A 53 -18.25 -2.62 14.58
N ARG A 54 -18.61 -3.86 14.23
CA ARG A 54 -20.00 -4.31 14.28
C ARG A 54 -20.56 -4.28 15.71
N LEU A 55 -19.68 -4.42 16.70
CA LEU A 55 -20.11 -4.39 18.11
C LEU A 55 -20.26 -2.96 18.66
N CYS A 56 -19.18 -2.19 18.68
CA CYS A 56 -19.18 -0.90 19.37
C CYS A 56 -19.16 0.35 18.47
N GLY A 57 -19.16 0.12 17.16
CA GLY A 57 -19.30 1.23 16.21
C GLY A 57 -18.05 2.01 15.92
N LEU A 58 -16.95 1.67 16.60
CA LEU A 58 -15.68 2.35 16.39
C LEU A 58 -15.23 2.25 14.95
N PRO A 59 -14.94 3.40 14.30
CA PRO A 59 -14.37 3.39 12.96
C PRO A 59 -13.07 2.60 12.91
N LEU A 60 -13.00 1.63 12.01
CA LEU A 60 -11.85 0.75 11.93
C LEU A 60 -11.07 0.92 10.63
N PHE A 61 -11.77 0.98 9.51
CA PHE A 61 -11.12 1.12 8.20
C PHE A 61 -11.88 2.08 7.28
N ARG A 62 -11.11 2.88 6.53
CA ARG A 62 -11.66 3.75 5.48
C ARG A 62 -11.71 2.98 4.17
N SER A 63 -12.69 3.29 3.33
CA SER A 63 -12.78 2.66 2.01
C SER A 63 -11.56 2.95 1.12
N ASN A 64 -10.96 4.14 1.24
CA ASN A 64 -9.80 4.49 0.41
C ASN A 64 -8.56 3.63 0.67
N ALA A 65 -8.63 2.76 1.68
CA ALA A 65 -7.57 1.81 1.99
C ALA A 65 -7.95 0.37 1.64
N LYS A 66 -9.12 0.19 1.06
CA LYS A 66 -9.62 -1.13 0.67
C LYS A 66 -9.02 -1.60 -0.65
N PHE A 67 -8.68 -2.89 -0.71
CA PHE A 67 -8.17 -3.50 -1.95
C PHE A 67 -8.61 -4.97 -2.08
N ASP A 68 -8.42 -5.54 -3.28
CA ASP A 68 -8.78 -6.93 -3.55
C ASP A 68 -7.53 -7.81 -3.47
N SER A 69 -7.47 -8.65 -2.46
CA SER A 69 -6.29 -9.44 -2.19
C SER A 69 -6.29 -10.77 -2.93
N GLY A 70 -7.47 -11.20 -3.37
CA GLY A 70 -7.62 -12.53 -4.00
C GLY A 70 -7.85 -13.65 -2.99
N THR A 71 -8.07 -13.29 -1.72
CA THR A 71 -8.23 -14.30 -0.66
C THR A 71 -9.70 -14.64 -0.38
N GLY A 72 -10.59 -13.72 -0.70
CA GLY A 72 -12.03 -13.93 -0.44
C GLY A 72 -12.54 -13.18 0.79
N TRP A 73 -11.67 -12.39 1.41
CA TRP A 73 -12.05 -11.53 2.53
C TRP A 73 -11.84 -10.07 2.21
N PRO A 74 -12.70 -9.17 2.73
CA PRO A 74 -12.42 -7.75 2.56
C PRO A 74 -11.06 -7.42 3.15
N SER A 75 -10.28 -6.61 2.45
CA SER A 75 -8.90 -6.36 2.83
C SER A 75 -8.54 -4.89 2.72
N PHE A 76 -7.78 -4.41 3.71
CA PHE A 76 -7.35 -3.01 3.75
C PHE A 76 -5.85 -2.94 4.00
N PHE A 77 -5.18 -1.94 3.43
CA PHE A 77 -3.74 -1.80 3.65
C PHE A 77 -3.37 -0.98 4.90
N ALA A 78 -4.35 -0.27 5.46
CA ALA A 78 -4.12 0.54 6.65
C ALA A 78 -5.41 0.73 7.46
N PRO A 79 -5.29 0.86 8.79
CA PRO A 79 -6.49 1.17 9.57
C PRO A 79 -6.87 2.64 9.52
N TYR A 80 -8.11 2.94 9.94
CA TYR A 80 -8.62 4.30 10.10
C TYR A 80 -7.64 5.16 10.88
N ASP A 81 -7.09 4.57 11.95
CA ASP A 81 -6.17 5.22 12.88
C ASP A 81 -5.40 4.10 13.56
N PRO A 82 -4.07 4.25 13.73
CA PRO A 82 -3.24 3.16 14.30
C PRO A 82 -3.78 2.63 15.63
N ALA A 83 -4.30 3.54 16.45
CA ALA A 83 -4.77 3.21 17.80
C ALA A 83 -6.13 2.49 17.83
N HIS A 84 -6.84 2.44 16.70
CA HIS A 84 -8.19 1.85 16.65
C HIS A 84 -8.21 0.34 16.49
N VAL A 85 -7.12 -0.21 15.94
CA VAL A 85 -7.01 -1.64 15.68
C VAL A 85 -5.80 -2.16 16.44
N ARG A 86 -6.02 -3.14 17.32
CA ARG A 86 -4.98 -3.70 18.17
C ARG A 86 -4.53 -5.07 17.68
N GLU A 87 -3.23 -5.29 17.73
CA GLU A 87 -2.63 -6.55 17.32
C GLU A 87 -2.42 -7.49 18.50
N ILE A 88 -2.80 -8.76 18.32
CA ILE A 88 -2.66 -9.79 19.35
C ILE A 88 -2.08 -11.07 18.74
N ARG A 89 -1.14 -11.70 19.44
CA ARG A 89 -0.57 -12.96 19.01
C ARG A 89 -1.62 -14.05 18.90
N ASP A 90 -1.59 -14.78 17.78
CA ASP A 90 -2.51 -15.89 17.57
C ASP A 90 -1.69 -17.11 17.17
N THR A 91 -1.68 -18.12 18.03
CA THR A 91 -0.95 -19.37 17.75
C THR A 91 -1.88 -20.52 17.38
N SER A 92 -3.14 -20.23 17.13
CA SER A 92 -4.11 -21.28 16.84
C SER A 92 -3.76 -22.00 15.54
N TYR A 93 -4.18 -23.25 15.43
CA TYR A 93 -3.91 -24.13 14.26
C TYR A 93 -2.42 -24.45 14.08
N GLY A 94 -1.62 -24.26 15.13
CA GLY A 94 -0.16 -24.41 15.04
C GLY A 94 0.50 -23.43 14.08
N MET A 95 -0.18 -22.33 13.78
CA MET A 95 0.37 -21.28 12.92
C MET A 95 0.83 -20.16 13.82
N VAL A 96 1.62 -19.24 13.25
CA VAL A 96 2.01 -18.03 13.95
C VAL A 96 1.44 -16.85 13.18
N ARG A 97 0.43 -16.21 13.77
CA ARG A 97 -0.26 -15.11 13.10
C ARG A 97 -0.45 -13.95 14.07
N THR A 98 -0.92 -12.83 13.51
CA THR A 98 -1.27 -11.68 14.32
C THR A 98 -2.75 -11.43 14.12
N GLU A 99 -3.54 -11.70 15.15
CA GLU A 99 -4.96 -11.34 15.14
C GLU A 99 -5.08 -9.84 15.32
N ILE A 100 -6.07 -9.25 14.65
CA ILE A 100 -6.45 -7.86 14.91
C ILE A 100 -7.79 -7.80 15.60
N VAL A 101 -7.85 -7.02 16.69
CA VAL A 101 -9.08 -6.80 17.44
C VAL A 101 -9.45 -5.31 17.47
N CYS A 102 -10.72 -5.02 17.69
CA CYS A 102 -11.15 -3.64 17.93
C CYS A 102 -10.57 -3.16 19.25
N ALA A 103 -9.80 -2.07 19.21
CA ALA A 103 -9.09 -1.57 20.39
C ALA A 103 -10.02 -1.16 21.54
N ARG A 104 -11.26 -0.84 21.21
CA ARG A 104 -12.22 -0.39 22.21
C ARG A 104 -12.90 -1.57 22.90
N CYS A 105 -13.55 -2.43 22.13
CA CYS A 105 -14.39 -3.48 22.69
C CYS A 105 -13.74 -4.85 22.67
N ASP A 106 -12.59 -4.97 22.02
CA ASP A 106 -11.79 -6.20 22.07
C ASP A 106 -12.36 -7.33 21.19
N SER A 107 -13.32 -7.01 20.32
CA SER A 107 -13.93 -7.97 19.39
C SER A 107 -12.97 -8.49 18.32
N HIS A 108 -13.17 -9.74 17.89
CA HIS A 108 -12.35 -10.32 16.82
C HIS A 108 -12.71 -9.73 15.47
N LEU A 109 -11.68 -9.38 14.69
CA LEU A 109 -11.86 -8.79 13.36
C LEU A 109 -11.25 -9.64 12.24
N GLY A 110 -10.09 -10.23 12.51
CA GLY A 110 -9.36 -11.02 11.53
C GLY A 110 -7.88 -11.04 11.86
N HIS A 111 -7.05 -10.96 10.83
CA HIS A 111 -5.61 -11.01 10.99
C HIS A 111 -4.92 -9.99 10.09
N VAL A 112 -3.69 -9.62 10.43
CA VAL A 112 -2.88 -8.70 9.63
C VAL A 112 -1.59 -9.39 9.13
N PHE A 113 -1.25 -9.17 7.86
CA PHE A 113 -0.11 -9.87 7.24
C PHE A 113 0.86 -8.90 6.57
N PRO A 114 2.16 -9.28 6.49
CA PRO A 114 3.17 -8.42 5.90
C PRO A 114 3.34 -8.65 4.40
N ASP A 115 2.28 -9.11 3.72
CA ASP A 115 2.32 -9.37 2.28
C ASP A 115 1.36 -8.47 1.51
N GLY A 116 1.12 -7.26 2.03
CA GLY A 116 0.20 -6.33 1.38
C GLY A 116 0.86 -5.54 0.27
N PRO A 117 0.07 -4.73 -0.46
CA PRO A 117 0.60 -3.88 -1.52
C PRO A 117 1.18 -2.56 -0.98
N PRO A 118 1.94 -1.83 -1.81
CA PRO A 118 2.22 -0.42 -1.53
C PRO A 118 0.89 0.35 -1.43
N PRO A 119 0.84 1.41 -0.59
CA PRO A 119 1.95 2.09 0.09
C PRO A 119 2.53 1.42 1.34
N THR A 120 1.78 0.56 2.01
CA THR A 120 2.17 0.07 3.35
C THR A 120 2.89 -1.28 3.36
N GLY A 121 2.53 -2.16 2.44
CA GLY A 121 3.08 -3.51 2.43
C GLY A 121 2.38 -4.37 3.47
N GLU A 122 1.21 -3.92 3.90
CA GLU A 122 0.45 -4.53 4.98
C GLU A 122 -0.94 -4.96 4.49
N ARG A 123 -1.39 -6.13 4.95
CA ARG A 123 -2.72 -6.61 4.60
C ARG A 123 -3.54 -6.93 5.85
N HIS A 124 -4.49 -6.06 6.17
CA HIS A 124 -5.49 -6.37 7.19
C HIS A 124 -6.58 -7.19 6.51
N SER A 125 -6.73 -8.44 6.96
CA SER A 125 -7.72 -9.37 6.42
C SER A 125 -8.92 -9.44 7.36
N LEU A 126 -10.07 -9.01 6.87
CA LEU A 126 -11.25 -8.83 7.72
C LEU A 126 -12.36 -9.82 7.43
N ASN A 127 -13.08 -10.20 8.47
CA ASN A 127 -14.37 -10.84 8.32
C ASN A 127 -15.38 -9.75 8.07
N SER A 128 -16.11 -9.88 6.96
CA SER A 128 -17.12 -8.89 6.59
C SER A 128 -18.18 -8.76 7.69
N VAL A 129 -18.42 -9.87 8.38
CA VAL A 129 -19.44 -9.91 9.44
C VAL A 129 -18.98 -9.18 10.71
N SER A 130 -17.68 -8.96 10.85
CA SER A 130 -17.12 -8.17 11.95
C SER A 130 -17.33 -6.66 11.74
N LEU A 131 -17.91 -6.28 10.61
CA LEU A 131 -17.99 -4.87 10.24
C LEU A 131 -19.41 -4.40 9.95
N ALA A 132 -19.63 -3.12 10.17
CA ALA A 132 -20.76 -2.42 9.60
C ALA A 132 -20.17 -1.29 8.74
N PHE A 133 -20.93 -0.85 7.74
CA PHE A 133 -20.47 0.19 6.83
C PHE A 133 -21.36 1.42 6.92
N THR A 134 -20.72 2.58 6.95
CA THR A 134 -21.40 3.88 6.94
C THR A 134 -20.85 4.70 5.77
N GLU A 135 -21.70 4.98 4.80
CA GLU A 135 -21.31 5.77 3.65
C GLU A 135 -20.94 7.22 4.03
N ASP A 136 -19.98 7.76 3.29
CA ASP A 136 -19.47 9.12 3.45
C ASP A 136 -20.59 10.16 3.69
N GLY A 137 -20.45 10.95 4.74
CA GLY A 137 -21.43 11.98 5.07
C GLY A 137 -22.64 11.52 5.87
N GLN A 138 -22.86 10.20 5.96
CA GLN A 138 -23.93 9.66 6.80
C GLN A 138 -23.50 9.64 8.27
N PRO A 139 -24.47 9.66 9.20
CA PRO A 139 -24.07 9.63 10.61
C PRO A 139 -23.57 8.24 11.03
N LEU A 140 -22.52 8.21 11.85
CA LEU A 140 -22.02 6.95 12.41
C LEU A 140 -23.03 6.35 13.39
N PRO A 141 -23.04 5.01 13.55
CA PRO A 141 -24.00 4.37 14.45
C PRO A 141 -23.85 4.76 15.92
N ASN A 142 -22.62 4.98 16.39
CA ASN A 142 -22.35 5.48 17.75
C ASN A 142 -23.24 4.86 18.82
N PRO A 143 -23.24 3.52 18.96
CA PRO A 143 -24.18 2.88 19.89
C PRO A 143 -23.87 3.19 21.37
N LEU A 144 -22.66 3.63 21.66
CA LEU A 144 -22.26 3.99 23.03
C LEU A 144 -22.48 5.47 23.34
N GLN A 145 -23.05 6.18 22.35
CA GLN A 145 -23.39 7.61 22.46
C GLN A 145 -22.26 8.43 23.09
N ARG A 146 -21.16 8.55 22.35
CA ARG A 146 -19.98 9.24 22.83
C ARG A 146 -19.68 10.49 22.02
N ALA A 147 -19.00 11.45 22.64
CA ALA A 147 -18.80 12.76 22.02
C ALA A 147 -17.58 12.80 21.08
N GLY A 148 -17.27 13.99 20.59
CA GLY A 148 -16.15 14.15 19.66
C GLY A 148 -16.56 13.78 18.25
N ALA A 149 -15.63 13.13 17.54
CA ALA A 149 -15.82 12.79 16.13
C ALA A 149 -16.94 11.79 15.85
N GLU A 150 -17.37 11.06 16.89
CA GLU A 150 -18.34 10.00 16.73
C GLU A 150 -19.76 10.53 16.51
N THR A 151 -19.99 11.79 16.89
CA THR A 151 -21.26 12.46 16.61
C THR A 151 -21.25 13.11 15.23
N GLN A 152 -20.08 13.22 14.61
CA GLN A 152 -19.93 13.80 13.28
C GLN A 152 -20.28 12.80 12.16
N PRO A 153 -20.66 13.31 10.96
CA PRO A 153 -20.82 12.42 9.80
C PRO A 153 -19.49 11.79 9.38
N ALA A 154 -19.57 10.56 8.88
CA ALA A 154 -18.40 9.77 8.48
C ALA A 154 -17.63 10.41 7.32
N SER B 2 15.09 19.07 -19.47
CA SER B 2 16.07 17.95 -19.55
C SER B 2 17.07 18.10 -20.70
N GLN B 3 18.31 17.71 -20.44
CA GLN B 3 19.34 17.63 -21.48
C GLN B 3 19.59 16.19 -21.90
N PHE B 4 18.62 15.32 -21.61
CA PHE B 4 18.63 13.92 -22.03
C PHE B 4 17.65 13.73 -23.17
N ASP B 5 17.99 12.85 -24.11
CA ASP B 5 17.13 12.52 -25.23
C ASP B 5 16.08 11.52 -24.75
N LEU B 6 14.82 11.93 -24.74
CA LEU B 6 13.75 11.11 -24.19
C LEU B 6 12.93 10.38 -25.27
N THR B 7 13.43 10.44 -26.50
CA THR B 7 12.83 9.73 -27.64
C THR B 7 12.69 8.24 -27.28
N PRO B 8 11.47 7.67 -27.41
CA PRO B 8 11.30 6.24 -27.13
C PRO B 8 12.25 5.41 -27.99
N PRO B 9 12.71 4.24 -27.48
CA PRO B 9 13.50 3.37 -28.33
C PRO B 9 12.65 2.76 -29.45
N SER B 10 13.28 2.41 -30.57
CA SER B 10 12.60 1.75 -31.68
C SER B 10 12.12 0.35 -31.25
N PRO B 11 11.10 -0.21 -31.94
CA PRO B 11 10.64 -1.56 -31.62
C PRO B 11 11.76 -2.59 -31.54
N ALA B 12 12.69 -2.54 -32.51
CA ALA B 12 13.85 -3.44 -32.53
C ALA B 12 14.80 -3.18 -31.37
N GLN B 13 14.92 -1.92 -30.98
CA GLN B 13 15.72 -1.52 -29.81
C GLN B 13 15.06 -2.00 -28.52
N ARG B 14 13.73 -1.89 -28.44
CA ARG B 14 12.96 -2.40 -27.31
C ARG B 14 13.25 -3.88 -27.11
N ASP B 15 13.10 -4.65 -28.18
CA ASP B 15 13.35 -6.09 -28.17
C ASP B 15 14.76 -6.43 -27.70
N ALA B 16 15.73 -5.63 -28.13
CA ALA B 16 17.13 -5.81 -27.75
C ALA B 16 17.34 -5.65 -26.25
N LEU B 17 16.68 -4.65 -25.67
CA LEU B 17 16.80 -4.32 -24.25
C LEU B 17 16.08 -5.33 -23.37
N ILE B 18 14.94 -5.82 -23.87
CA ILE B 18 14.12 -6.80 -23.15
C ILE B 18 14.79 -8.19 -23.05
N ALA B 19 15.43 -8.61 -24.14
CA ALA B 19 16.08 -9.92 -24.23
C ALA B 19 17.12 -10.19 -23.15
N GLY B 20 17.62 -9.12 -22.51
CA GLY B 20 18.66 -9.27 -21.50
C GLY B 20 18.14 -9.31 -20.07
N LEU B 21 16.81 -9.38 -19.90
CA LEU B 21 16.20 -9.35 -18.57
C LEU B 21 15.92 -10.71 -17.97
N SER B 22 16.03 -10.79 -16.64
CA SER B 22 15.55 -11.94 -15.88
C SER B 22 14.01 -12.01 -15.93
N ASP B 23 13.46 -13.16 -15.56
CA ASP B 23 12.00 -13.31 -15.48
C ASP B 23 11.41 -12.27 -14.53
N GLU B 24 12.12 -12.06 -13.41
CA GLU B 24 11.77 -11.09 -12.37
C GLU B 24 11.77 -9.65 -12.88
N GLU B 25 12.79 -9.30 -13.67
CA GLU B 25 12.86 -7.98 -14.28
C GLU B 25 11.74 -7.77 -15.31
N GLN B 26 11.40 -8.82 -16.03
CA GLN B 26 10.28 -8.80 -16.96
C GLN B 26 8.95 -8.66 -16.24
N ARG B 27 8.77 -9.44 -15.17
CA ARG B 27 7.55 -9.42 -14.36
C ARG B 27 7.23 -8.00 -13.86
N VAL B 28 8.23 -7.34 -13.28
CA VAL B 28 8.06 -6.01 -12.67
C VAL B 28 8.03 -4.89 -13.71
N LEU B 29 9.06 -4.82 -14.54
CA LEU B 29 9.23 -3.74 -15.52
C LEU B 29 8.19 -3.76 -16.64
N LEU B 30 7.87 -4.96 -17.12
CA LEU B 30 7.04 -5.10 -18.33
C LEU B 30 5.61 -5.52 -18.06
N HIS B 31 5.35 -6.13 -16.91
CA HIS B 31 4.01 -6.65 -16.60
C HIS B 31 3.37 -6.03 -15.35
N HIS B 32 3.97 -4.94 -14.86
CA HIS B 32 3.43 -4.15 -13.74
C HIS B 32 3.45 -4.84 -12.38
N GLY B 33 4.41 -5.73 -12.17
CA GLY B 33 4.56 -6.45 -10.91
C GLY B 33 5.22 -5.63 -9.82
N THR B 34 5.07 -6.08 -8.58
CA THR B 34 5.72 -5.45 -7.44
C THR B 34 6.65 -6.47 -6.82
N GLU B 35 7.87 -6.04 -6.46
CA GLU B 35 8.76 -6.89 -5.68
C GLU B 35 8.22 -6.97 -4.26
N ALA B 36 8.52 -8.06 -3.55
CA ALA B 36 8.12 -8.19 -2.16
C ALA B 36 8.82 -7.13 -1.30
N PRO B 37 8.12 -6.61 -0.28
CA PRO B 37 8.74 -5.60 0.60
C PRO B 37 9.98 -6.17 1.27
N PHE B 38 10.98 -5.32 1.52
CA PHE B 38 12.25 -5.70 2.19
C PHE B 38 13.12 -6.72 1.42
N CYS B 39 12.91 -6.82 0.11
CA CYS B 39 13.66 -7.76 -0.73
C CYS B 39 14.62 -7.08 -1.70
N GLY B 40 14.45 -5.78 -1.90
CA GLY B 40 15.24 -5.04 -2.88
C GLY B 40 16.72 -4.89 -2.56
N VAL B 41 17.55 -5.16 -3.57
CA VAL B 41 19.00 -5.01 -3.47
C VAL B 41 19.40 -3.60 -2.99
N PHE B 42 18.78 -2.58 -3.58
CA PHE B 42 19.13 -1.19 -3.31
C PHE B 42 18.42 -0.60 -2.08
N LEU B 43 17.63 -1.40 -1.37
CA LEU B 43 16.82 -0.86 -0.27
C LEU B 43 17.66 -0.05 0.70
N ASP B 44 18.85 -0.55 1.01
CA ASP B 44 19.74 0.09 1.99
C ASP B 44 21.01 0.71 1.41
N ASN B 45 21.05 0.87 0.09
CA ASN B 45 22.17 1.55 -0.58
C ASN B 45 22.27 3.01 -0.13
N LYS B 46 23.48 3.41 0.26
CA LYS B 46 23.77 4.75 0.79
C LYS B 46 24.88 5.48 0.04
N LEU B 47 25.52 4.77 -0.91
CA LEU B 47 26.58 5.35 -1.75
C LEU B 47 26.02 6.51 -2.58
N ASP B 48 26.87 7.49 -2.89
CA ASP B 48 26.47 8.61 -3.75
C ASP B 48 26.37 8.16 -5.20
N GLY B 49 25.31 8.58 -5.88
CA GLY B 49 25.16 8.24 -7.29
C GLY B 49 23.74 8.27 -7.81
N VAL B 50 23.58 7.78 -9.05
CA VAL B 50 22.36 7.94 -9.82
C VAL B 50 21.71 6.58 -10.08
N TYR B 51 20.44 6.50 -9.73
CA TYR B 51 19.62 5.35 -10.06
C TYR B 51 19.04 5.58 -11.44
N THR B 52 19.27 4.61 -12.32
CA THR B 52 18.83 4.69 -13.70
C THR B 52 17.74 3.64 -13.93
N CYS B 53 16.99 3.83 -15.01
CA CYS B 53 16.04 2.84 -15.50
C CYS B 53 16.79 1.56 -15.94
N ARG B 54 16.36 0.40 -15.43
CA ARG B 54 17.04 -0.87 -15.72
C ARG B 54 16.91 -1.29 -17.18
N LEU B 55 15.84 -0.84 -17.85
CA LEU B 55 15.63 -1.20 -19.25
C LEU B 55 16.42 -0.32 -20.21
N CYS B 56 16.32 1.01 -20.05
CA CYS B 56 16.89 1.94 -21.03
C CYS B 56 17.99 2.86 -20.49
N GLY B 57 18.28 2.76 -19.20
CA GLY B 57 19.38 3.51 -18.59
C GLY B 57 19.14 4.98 -18.29
N LEU B 58 17.91 5.46 -18.48
CA LEU B 58 17.59 6.86 -18.16
C LEU B 58 17.65 7.13 -16.65
N PRO B 59 18.49 8.11 -16.23
CA PRO B 59 18.54 8.56 -14.84
C PRO B 59 17.15 8.94 -14.31
N LEU B 60 16.70 8.23 -13.28
CA LEU B 60 15.38 8.46 -12.71
C LEU B 60 15.43 9.10 -11.34
N PHE B 61 16.36 8.66 -10.49
CA PHE B 61 16.46 9.19 -9.14
C PHE B 61 17.91 9.33 -8.65
N ARG B 62 18.14 10.34 -7.83
CA ARG B 62 19.45 10.56 -7.21
C ARG B 62 19.48 10.07 -5.76
N SER B 63 20.63 9.52 -5.37
CA SER B 63 20.82 9.01 -4.01
C SER B 63 20.59 10.07 -2.94
N ASN B 64 20.78 11.34 -3.30
CA ASN B 64 20.52 12.47 -2.41
C ASN B 64 19.05 12.73 -2.08
N ALA B 65 18.16 12.25 -2.95
CA ALA B 65 16.71 12.39 -2.74
C ALA B 65 16.13 11.19 -2.00
N LYS B 66 16.99 10.26 -1.61
CA LYS B 66 16.57 9.02 -0.99
C LYS B 66 16.37 9.21 0.51
N PHE B 67 15.38 8.51 1.06
CA PHE B 67 15.12 8.48 2.49
C PHE B 67 14.44 7.16 2.86
N ASP B 68 14.49 6.79 4.14
CA ASP B 68 13.90 5.55 4.64
C ASP B 68 12.45 5.77 5.05
N SER B 69 11.52 5.22 4.27
CA SER B 69 10.09 5.37 4.56
C SER B 69 9.58 4.30 5.54
N GLY B 70 10.30 3.19 5.62
CA GLY B 70 9.94 2.11 6.52
C GLY B 70 8.92 1.15 5.94
N THR B 71 8.68 1.26 4.63
CA THR B 71 7.64 0.45 4.00
C THR B 71 8.16 -0.87 3.40
N GLY B 72 9.46 -0.93 3.10
CA GLY B 72 10.06 -2.11 2.47
C GLY B 72 10.51 -1.86 1.05
N TRP B 73 10.30 -0.64 0.56
CA TRP B 73 10.71 -0.23 -0.78
C TRP B 73 11.58 1.04 -0.74
N PRO B 74 12.65 1.09 -1.57
CA PRO B 74 13.43 2.33 -1.68
C PRO B 74 12.55 3.53 -2.05
N SER B 75 12.69 4.62 -1.30
CA SER B 75 11.85 5.80 -1.45
C SER B 75 12.66 7.03 -1.81
N PHE B 76 12.07 7.92 -2.60
CA PHE B 76 12.71 9.19 -2.97
C PHE B 76 11.69 10.30 -2.90
N PHE B 77 12.16 11.51 -2.59
CA PHE B 77 11.25 12.64 -2.42
C PHE B 77 11.15 13.51 -3.66
N ALA B 78 11.89 13.13 -4.71
CA ALA B 78 11.88 13.84 -5.99
C ALA B 78 12.67 13.05 -7.04
N PRO B 79 12.25 13.13 -8.32
CA PRO B 79 12.96 12.50 -9.41
C PRO B 79 14.24 13.25 -9.79
N TYR B 80 15.12 12.58 -10.52
CA TYR B 80 16.34 13.17 -11.08
C TYR B 80 15.99 14.42 -11.89
N ASP B 81 14.87 14.33 -12.63
CA ASP B 81 14.32 15.43 -13.41
C ASP B 81 12.82 15.18 -13.54
N PRO B 82 12.00 16.24 -13.38
CA PRO B 82 10.53 16.11 -13.49
C PRO B 82 10.06 15.45 -14.80
N ALA B 83 10.82 15.60 -15.88
CA ALA B 83 10.46 15.06 -17.19
C ALA B 83 10.84 13.59 -17.39
N HIS B 84 11.61 13.03 -16.45
CA HIS B 84 12.18 11.68 -16.57
C HIS B 84 11.25 10.57 -16.10
N VAL B 85 10.21 10.94 -15.36
CA VAL B 85 9.25 10.03 -14.77
C VAL B 85 7.85 10.49 -15.13
N ARG B 86 7.01 9.59 -15.64
CA ARG B 86 5.63 9.93 -15.99
C ARG B 86 4.60 9.26 -15.09
N GLU B 87 3.50 9.97 -14.86
CA GLU B 87 2.44 9.50 -13.96
C GLU B 87 1.26 8.88 -14.71
N ILE B 88 0.84 7.70 -14.25
CA ILE B 88 -0.26 6.95 -14.86
C ILE B 88 -1.21 6.44 -13.78
N ARG B 89 -2.52 6.67 -14.00
CA ARG B 89 -3.58 6.13 -13.14
C ARG B 89 -3.55 4.61 -13.15
N ASP B 90 -3.53 4.03 -11.96
CA ASP B 90 -3.47 2.60 -11.79
C ASP B 90 -4.69 2.16 -10.98
N THR B 91 -5.56 1.38 -11.60
CA THR B 91 -6.75 0.87 -10.93
C THR B 91 -6.68 -0.63 -10.63
N SER B 92 -5.47 -1.16 -10.49
CA SER B 92 -5.29 -2.58 -10.15
C SER B 92 -5.45 -2.84 -8.65
N TYR B 93 -5.88 -4.06 -8.31
CA TYR B 93 -6.20 -4.47 -6.94
C TYR B 93 -7.44 -3.81 -6.36
N GLY B 94 -8.29 -3.23 -7.21
CA GLY B 94 -9.47 -2.52 -6.74
C GLY B 94 -9.18 -1.23 -6.00
N MET B 95 -7.95 -0.73 -6.14
CA MET B 95 -7.53 0.54 -5.57
C MET B 95 -7.44 1.56 -6.68
N VAL B 96 -7.23 2.82 -6.31
CA VAL B 96 -6.81 3.86 -7.24
C VAL B 96 -5.46 4.37 -6.74
N ARG B 97 -4.43 4.25 -7.58
CA ARG B 97 -3.10 4.74 -7.24
C ARG B 97 -2.48 5.44 -8.44
N THR B 98 -1.38 6.16 -8.21
CA THR B 98 -0.61 6.74 -9.29
C THR B 98 0.68 5.96 -9.51
N GLU B 99 0.73 5.26 -10.64
CA GLU B 99 1.92 4.56 -11.08
C GLU B 99 2.92 5.57 -11.61
N ILE B 100 4.20 5.26 -11.41
CA ILE B 100 5.27 5.99 -12.06
C ILE B 100 5.98 5.10 -13.07
N VAL B 101 6.14 5.62 -14.28
CA VAL B 101 6.88 4.92 -15.34
C VAL B 101 8.07 5.74 -15.82
N CYS B 102 9.05 5.07 -16.42
CA CYS B 102 10.13 5.77 -17.12
C CYS B 102 9.53 6.54 -18.29
N ALA B 103 9.77 7.84 -18.34
CA ALA B 103 9.25 8.68 -19.41
C ALA B 103 9.74 8.29 -20.79
N ARG B 104 10.90 7.62 -20.85
CA ARG B 104 11.50 7.21 -22.13
C ARG B 104 10.96 5.89 -22.69
N CYS B 105 10.89 4.85 -21.86
CA CYS B 105 10.49 3.53 -22.34
C CYS B 105 9.17 2.98 -21.78
N ASP B 106 8.52 3.74 -20.88
CA ASP B 106 7.23 3.36 -20.30
C ASP B 106 7.25 2.19 -19.30
N SER B 107 8.45 1.72 -18.96
CA SER B 107 8.64 0.66 -17.97
C SER B 107 8.07 0.98 -16.60
N HIS B 108 7.58 -0.05 -15.91
CA HIS B 108 6.99 0.12 -14.59
C HIS B 108 8.08 0.30 -13.54
N LEU B 109 8.00 1.40 -12.81
CA LEU B 109 8.98 1.71 -11.77
C LEU B 109 8.41 1.45 -10.37
N GLY B 110 7.15 1.85 -10.18
CA GLY B 110 6.49 1.75 -8.89
C GLY B 110 5.31 2.71 -8.79
N HIS B 111 5.19 3.39 -7.66
CA HIS B 111 4.12 4.37 -7.48
C HIS B 111 4.62 5.64 -6.80
N VAL B 112 3.84 6.72 -6.93
CA VAL B 112 4.06 7.95 -6.18
C VAL B 112 2.90 8.17 -5.20
N PHE B 113 3.21 8.49 -3.95
CA PHE B 113 2.20 8.66 -2.91
C PHE B 113 2.26 10.06 -2.31
N PRO B 114 1.11 10.63 -1.89
CA PRO B 114 1.08 12.00 -1.34
C PRO B 114 1.51 12.12 0.13
N ASP B 115 2.23 11.15 0.67
CA ASP B 115 2.63 11.16 2.08
C ASP B 115 4.13 11.45 2.31
N GLY B 116 4.81 11.92 1.26
CA GLY B 116 6.25 12.18 1.33
C GLY B 116 6.60 13.47 2.08
N PRO B 117 7.90 13.72 2.29
CA PRO B 117 8.37 14.95 2.94
C PRO B 117 8.50 16.10 1.94
N PRO B 118 8.98 17.28 2.40
CA PRO B 118 9.39 18.39 1.51
C PRO B 118 10.40 17.93 0.44
N PRO B 119 10.41 18.60 -0.74
CA PRO B 119 9.77 19.87 -1.09
C PRO B 119 8.34 19.85 -1.64
N THR B 120 7.84 18.69 -2.08
CA THR B 120 6.51 18.64 -2.73
C THR B 120 5.51 17.69 -2.08
N GLY B 121 5.88 17.09 -0.94
CA GLY B 121 4.99 16.16 -0.23
C GLY B 121 4.86 14.78 -0.87
N GLU B 122 5.69 14.51 -1.88
CA GLU B 122 5.58 13.29 -2.67
C GLU B 122 6.58 12.22 -2.24
N ARG B 123 6.12 10.98 -2.16
CA ARG B 123 7.01 9.84 -1.96
C ARG B 123 6.99 8.97 -3.19
N HIS B 124 8.16 8.76 -3.77
CA HIS B 124 8.30 7.85 -4.89
C HIS B 124 8.71 6.50 -4.36
N SER B 125 7.78 5.54 -4.46
CA SER B 125 7.97 4.18 -3.98
C SER B 125 8.44 3.33 -5.14
N LEU B 126 9.63 2.75 -5.01
CA LEU B 126 10.28 2.08 -6.14
C LEU B 126 10.50 0.59 -5.93
N ASN B 127 10.53 -0.13 -7.05
CA ASN B 127 11.10 -1.47 -7.07
C ASN B 127 12.60 -1.37 -7.40
N SER B 128 13.46 -1.88 -6.51
CA SER B 128 14.90 -1.98 -6.79
C SER B 128 15.12 -2.66 -8.12
N VAL B 129 14.36 -3.73 -8.34
CA VAL B 129 14.39 -4.53 -9.57
C VAL B 129 14.26 -3.67 -10.85
N SER B 130 13.48 -2.59 -10.77
CA SER B 130 13.30 -1.63 -11.87
C SER B 130 14.49 -0.69 -12.07
N LEU B 131 15.43 -0.72 -11.13
CA LEU B 131 16.55 0.23 -11.11
C LEU B 131 17.93 -0.40 -11.24
N ALA B 132 18.85 0.36 -11.81
CA ALA B 132 20.28 0.08 -11.75
C ALA B 132 20.98 1.30 -11.18
N PHE B 133 22.18 1.11 -10.62
CA PHE B 133 22.89 2.17 -9.92
C PHE B 133 24.27 2.46 -10.50
N THR B 134 24.58 3.75 -10.63
CA THR B 134 25.88 4.21 -11.11
C THR B 134 26.42 5.21 -10.10
N GLU B 135 27.67 4.99 -9.66
CA GLU B 135 28.29 5.87 -8.67
C GLU B 135 28.57 7.25 -9.24
N ASP B 136 28.46 8.28 -8.41
CA ASP B 136 28.79 9.66 -8.81
C ASP B 136 30.17 9.69 -9.44
N GLY B 137 30.23 10.13 -10.70
CA GLY B 137 31.50 10.26 -11.43
C GLY B 137 31.76 9.22 -12.51
N GLN B 138 31.21 8.02 -12.34
CA GLN B 138 31.35 6.92 -13.31
C GLN B 138 30.55 7.18 -14.59
N PRO B 139 30.87 6.44 -15.68
CA PRO B 139 30.03 6.47 -16.88
C PRO B 139 28.62 5.89 -16.68
N LEU B 140 27.62 6.54 -17.28
CA LEU B 140 26.25 6.04 -17.32
C LEU B 140 26.14 4.85 -18.28
N PRO B 141 25.28 3.86 -17.97
CA PRO B 141 25.17 2.64 -18.76
C PRO B 141 24.85 2.92 -20.22
N ASN B 142 23.99 3.92 -20.45
CA ASN B 142 23.65 4.40 -21.80
C ASN B 142 23.53 3.29 -22.85
N PRO B 143 22.68 2.27 -22.61
CA PRO B 143 22.60 1.16 -23.54
C PRO B 143 22.11 1.57 -24.93
N LEU B 144 21.43 2.70 -25.03
CA LEU B 144 20.88 3.18 -26.31
C LEU B 144 21.85 4.07 -27.08
N GLN B 145 22.98 4.40 -26.44
CA GLN B 145 24.05 5.18 -27.05
C GLN B 145 23.53 6.57 -27.46
N ARG B 146 22.83 7.23 -26.54
CA ARG B 146 22.21 8.51 -26.81
C ARG B 146 23.15 9.67 -26.45
N ALA B 147 22.80 10.87 -26.92
CA ALA B 147 23.65 12.06 -26.75
C ALA B 147 23.31 12.82 -25.46
N GLY B 148 23.63 14.12 -25.45
CA GLY B 148 23.33 15.00 -24.32
C GLY B 148 24.14 14.67 -23.09
N ALA B 149 23.54 14.92 -21.92
CA ALA B 149 24.20 14.69 -20.64
C ALA B 149 24.42 13.21 -20.36
N GLU B 150 23.89 12.34 -21.22
CA GLU B 150 24.04 10.89 -21.07
C GLU B 150 25.46 10.38 -21.41
N THR B 151 26.19 11.15 -22.21
CA THR B 151 27.58 10.80 -22.55
C THR B 151 28.55 11.30 -21.50
N GLN B 152 28.02 12.00 -20.49
CA GLN B 152 28.81 12.61 -19.43
C GLN B 152 28.66 11.83 -18.12
N PRO B 153 29.62 12.01 -17.16
CA PRO B 153 29.56 11.28 -15.88
C PRO B 153 28.26 11.49 -15.10
N ALA B 154 27.97 10.57 -14.18
CA ALA B 154 26.73 10.56 -13.42
C ALA B 154 26.65 11.73 -12.44
ZN ZN C . -15.50 -2.44 18.93
C2 RSM D . -6.82 -19.35 6.32
C RSM D . -7.75 -18.46 7.10
O RSM D . -8.76 -18.92 7.63
N RSM D . -7.50 -17.14 7.24
CA RSM D . -6.40 -16.31 6.73
CB RSM D . -6.69 -14.92 7.32
CG RSM D . -8.14 -14.48 7.10
SD RSM D . -8.70 -13.37 8.21
OD1 RSM D . -8.80 -14.02 9.71
CE RSM D . -10.21 -12.87 7.74
C3 RSM D . -5.00 -16.77 7.09
O3 RSM D . -4.77 -17.29 8.17
N2 RSM D . -4.06 -16.58 6.15
C1 RSM D . -2.72 -17.19 6.19
ZN ZN E . 13.49 3.47 -19.36
CA CA F . 5.38 0.62 -5.56
#